data_4OEY
#
_entry.id   4OEY
#
_cell.length_a   54.525
_cell.length_b   65.718
_cell.length_c   70.091
_cell.angle_alpha   90.00
_cell.angle_beta   90.00
_cell.angle_gamma   90.00
#
_symmetry.space_group_name_H-M   'P 21 21 21'
#
loop_
_entity.id
_entity.type
_entity.pdbx_description
1 polymer 'Androgen receptor'
2 polymer 'co-regulator peptide'
3 non-polymer 'SULFATE ION'
4 non-polymer 5-ALPHA-DIHYDROTESTOSTERONE
5 water water
#
loop_
_entity_poly.entity_id
_entity_poly.type
_entity_poly.pdbx_seq_one_letter_code
_entity_poly.pdbx_strand_id
1 'polypeptide(L)'
;QPIFLNVLEAIEPGVVCAGHDNNQPDSFAALLSSLNELGERQLVHVVKWAKALPGFRNLHVDDQMAVIQYSWMGLMVFAM
GWRSFTNVNSAMLYFAPDLVFNEYRMHKSRMYSQCVRMRHLSQEFGWLQITPQEFLCMKALLLFSIIPVDGLKNQKFFDE
LRMNYIKELDRIIACKRKNPTSCSRRFYQLTKLLDSVQPIARELHQFTFDLLIKSHMVSVDFPEMMAEIISVQVPKILSG
KVKPIYFHTQ
;
A
2 'polypeptide(L)' RGAFQNLFQSV B
#
# COMPACT_ATOMS: atom_id res chain seq x y z
N PRO A 2 -8.68 0.30 25.31
CA PRO A 2 -8.38 1.02 24.09
C PRO A 2 -9.17 0.38 22.99
N ILE A 3 -10.40 0.82 22.78
CA ILE A 3 -11.23 0.28 21.78
C ILE A 3 -10.54 0.38 20.40
N PHE A 4 -9.99 1.54 20.06
CA PHE A 4 -9.28 1.73 18.74
C PHE A 4 -8.21 0.69 18.37
N LEU A 5 -7.21 0.46 19.24
CA LEU A 5 -6.19 -0.53 18.97
C LEU A 5 -6.78 -1.97 18.88
N ASN A 6 -7.80 -2.25 19.71
CA ASN A 6 -8.42 -3.56 19.74
C ASN A 6 -8.89 -3.80 18.28
N VAL A 7 -9.48 -2.79 17.67
CA VAL A 7 -10.22 -3.04 16.35
C VAL A 7 -9.17 -3.22 15.27
N LEU A 8 -8.15 -2.33 15.31
CA LEU A 8 -6.99 -2.43 14.40
C LEU A 8 -6.30 -3.76 14.46
N GLU A 9 -6.11 -4.29 15.69
CA GLU A 9 -5.48 -5.55 15.86
C GLU A 9 -6.42 -6.65 15.31
N ALA A 10 -7.69 -6.56 15.61
CA ALA A 10 -8.62 -7.59 15.25
C ALA A 10 -8.82 -7.71 13.74
N ILE A 11 -8.75 -6.61 13.04
CA ILE A 11 -9.06 -6.62 11.54
C ILE A 11 -7.85 -6.88 10.65
N GLU A 12 -6.65 -6.93 11.26
CA GLU A 12 -5.39 -7.00 10.47
C GLU A 12 -5.32 -8.29 9.64
N PRO A 13 -5.19 -8.17 8.29
CA PRO A 13 -5.28 -9.38 7.46
C PRO A 13 -4.26 -10.43 7.77
N GLY A 14 -4.60 -11.67 7.44
CA GLY A 14 -3.63 -12.72 7.51
C GLY A 14 -2.71 -12.81 6.30
N VAL A 15 -2.01 -13.94 6.24
CA VAL A 15 -0.99 -14.29 5.25
C VAL A 15 -1.66 -14.46 3.90
N VAL A 16 -1.17 -13.77 2.88
CA VAL A 16 -1.65 -14.01 1.49
C VAL A 16 -0.54 -14.52 0.62
N CYS A 17 -0.76 -15.67 -0.07
CA CYS A 17 0.24 -16.25 -0.91
C CYS A 17 -0.03 -15.82 -2.37
N ALA A 18 1.03 -15.74 -3.20
CA ALA A 18 0.91 -15.32 -4.60
C ALA A 18 0.60 -16.48 -5.58
N GLY A 19 0.88 -17.72 -5.19
CA GLY A 19 0.80 -18.89 -6.11
C GLY A 19 1.96 -18.95 -7.10
N HIS A 20 3.12 -18.33 -6.78
CA HIS A 20 4.23 -18.31 -7.66
C HIS A 20 4.88 -19.70 -7.78
N ASP A 21 5.28 -20.10 -8.97
CA ASP A 21 6.07 -21.36 -9.11
C ASP A 21 7.55 -21.07 -8.86
N ASN A 22 8.03 -21.41 -7.68
CA ASN A 22 9.43 -21.22 -7.29
C ASN A 22 10.38 -22.26 -7.83
N ASN A 23 9.87 -23.18 -8.66
CA ASN A 23 10.72 -24.18 -9.31
C ASN A 23 11.13 -23.70 -10.72
N GLN A 24 10.34 -22.85 -11.35
CA GLN A 24 10.76 -22.34 -12.65
C GLN A 24 11.82 -21.24 -12.41
N PRO A 25 12.63 -20.96 -13.46
CA PRO A 25 13.62 -19.87 -13.51
C PRO A 25 13.00 -18.51 -13.31
N ASP A 26 13.71 -17.65 -12.63
CA ASP A 26 13.27 -16.28 -12.49
C ASP A 26 13.31 -15.67 -13.88
N SER A 27 12.13 -15.35 -14.40
CA SER A 27 12.01 -14.52 -15.56
C SER A 27 11.19 -13.29 -15.17
N PHE A 28 11.38 -12.22 -15.94
CA PHE A 28 10.60 -11.00 -15.77
C PHE A 28 9.10 -11.31 -15.86
N ALA A 29 8.70 -12.01 -16.93
CA ALA A 29 7.28 -12.24 -17.16
C ALA A 29 6.61 -13.01 -16.02
N ALA A 30 7.30 -14.03 -15.50
CA ALA A 30 6.76 -14.90 -14.47
C ALA A 30 6.75 -14.12 -13.13
N LEU A 31 7.81 -13.41 -12.83
CA LEU A 31 7.76 -12.67 -11.57
C LEU A 31 6.70 -11.59 -11.54
N LEU A 32 6.61 -10.81 -12.59
CA LEU A 32 5.69 -9.72 -12.58
C LEU A 32 4.28 -10.24 -12.66
N SER A 33 4.03 -11.27 -13.50
CA SER A 33 2.70 -11.87 -13.47
C SER A 33 2.26 -12.35 -12.03
N SER A 34 3.17 -12.89 -11.27
CA SER A 34 2.91 -13.32 -9.91
C SER A 34 2.71 -12.15 -8.92
N LEU A 35 3.50 -11.11 -9.08
CA LEU A 35 3.24 -9.88 -8.31
C LEU A 35 1.87 -9.29 -8.62
N ASN A 36 1.42 -9.31 -9.90
CA ASN A 36 0.09 -8.81 -10.26
C ASN A 36 -1.02 -9.66 -9.63
N GLU A 37 -0.82 -10.96 -9.61
CA GLU A 37 -1.82 -11.86 -9.05
C GLU A 37 -1.82 -11.62 -7.51
N LEU A 38 -0.66 -11.40 -6.95
CA LEU A 38 -0.63 -11.09 -5.54
C LEU A 38 -1.39 -9.78 -5.27
N GLY A 39 -1.19 -8.75 -6.10
CA GLY A 39 -1.84 -7.46 -5.95
C GLY A 39 -3.36 -7.70 -5.95
N GLU A 40 -3.81 -8.55 -6.86
CA GLU A 40 -5.24 -8.85 -6.95
C GLU A 40 -5.78 -9.51 -5.70
N ARG A 41 -5.06 -10.49 -5.18
CA ARG A 41 -5.45 -11.22 -4.00
C ARG A 41 -5.43 -10.30 -2.81
N GLN A 42 -4.35 -9.54 -2.67
CA GLN A 42 -4.31 -8.54 -1.62
C GLN A 42 -5.42 -7.47 -1.67
N LEU A 43 -5.85 -7.06 -2.84
CA LEU A 43 -6.83 -6.04 -2.96
C LEU A 43 -8.12 -6.51 -2.30
N VAL A 44 -8.48 -7.78 -2.51
CA VAL A 44 -9.66 -8.34 -1.86
C VAL A 44 -9.56 -8.13 -0.33
N HIS A 45 -8.40 -8.43 0.19
CA HIS A 45 -8.18 -8.28 1.64
C HIS A 45 -8.20 -6.79 2.08
N VAL A 46 -7.65 -5.91 1.25
CA VAL A 46 -7.61 -4.46 1.60
C VAL A 46 -9.00 -3.92 1.62
N VAL A 47 -9.90 -4.34 0.68
CA VAL A 47 -11.22 -3.85 0.70
C VAL A 47 -11.91 -4.27 1.98
N LYS A 48 -11.83 -5.54 2.38
CA LYS A 48 -12.53 -6.08 3.56
C LYS A 48 -12.02 -5.37 4.86
N TRP A 49 -10.71 -5.16 4.86
CA TRP A 49 -10.00 -4.44 5.98
C TRP A 49 -10.48 -3.01 6.11
N ALA A 50 -10.43 -2.25 5.04
CA ALA A 50 -10.80 -0.84 5.02
C ALA A 50 -12.23 -0.62 5.47
N LYS A 51 -13.15 -1.49 5.00
CA LYS A 51 -14.52 -1.34 5.30
C LYS A 51 -14.87 -1.67 6.79
N ALA A 52 -14.01 -2.43 7.42
CA ALA A 52 -14.10 -2.70 8.82
C ALA A 52 -13.37 -1.68 9.71
N LEU A 53 -12.71 -0.66 9.15
CA LEU A 53 -12.04 0.32 10.01
C LEU A 53 -13.03 1.24 10.77
N PRO A 54 -12.65 1.68 12.02
CA PRO A 54 -13.53 2.66 12.63
C PRO A 54 -13.79 3.88 11.79
N GLY A 55 -15.07 4.24 11.66
CA GLY A 55 -15.49 5.44 10.98
C GLY A 55 -15.70 5.31 9.48
N PHE A 56 -15.20 4.24 8.90
CA PHE A 56 -15.01 4.21 7.48
C PHE A 56 -16.34 4.38 6.79
N ARG A 57 -17.39 3.84 7.37
CA ARG A 57 -18.73 4.06 6.83
C ARG A 57 -19.27 5.45 7.02
N ASN A 58 -18.59 6.36 7.75
CA ASN A 58 -18.95 7.76 7.69
C ASN A 58 -18.83 8.30 6.28
N LEU A 59 -17.94 7.71 5.47
CA LEU A 59 -17.68 8.24 4.11
C LEU A 59 -18.83 7.91 3.17
N HIS A 60 -19.09 8.79 2.22
CA HIS A 60 -19.95 8.42 1.10
C HIS A 60 -19.45 7.14 0.38
N VAL A 61 -20.35 6.24 0.01
CA VAL A 61 -19.88 5.01 -0.66
C VAL A 61 -18.94 5.24 -1.87
N ASP A 62 -19.05 6.38 -2.53
CA ASP A 62 -18.20 6.65 -3.72
C ASP A 62 -16.82 7.04 -3.26
N ASP A 63 -16.75 7.67 -2.10
CA ASP A 63 -15.49 8.04 -1.52
C ASP A 63 -14.75 6.83 -0.92
N GLN A 64 -15.50 5.95 -0.30
CA GLN A 64 -14.97 4.70 0.21
C GLN A 64 -14.25 3.99 -0.91
N MET A 65 -14.92 3.80 -2.08
CA MET A 65 -14.25 3.11 -3.17
C MET A 65 -13.04 3.91 -3.67
N ALA A 66 -13.22 5.19 -3.83
CA ALA A 66 -12.16 6.00 -4.39
C ALA A 66 -10.90 5.98 -3.49
N VAL A 67 -11.12 6.07 -2.21
CA VAL A 67 -9.98 6.14 -1.28
C VAL A 67 -9.18 4.82 -1.30
N ILE A 68 -9.89 3.67 -1.45
CA ILE A 68 -9.23 2.41 -1.63
C ILE A 68 -8.40 2.33 -2.91
N GLN A 69 -9.06 2.74 -4.05
CA GLN A 69 -8.49 2.67 -5.34
C GLN A 69 -7.26 3.59 -5.55
N TYR A 70 -7.11 4.60 -4.75
CA TYR A 70 -5.96 5.48 -4.82
C TYR A 70 -4.87 5.05 -3.87
N SER A 71 -5.25 4.48 -2.74
CA SER A 71 -4.29 4.20 -1.68
C SER A 71 -3.70 2.78 -1.59
N TRP A 72 -4.22 1.81 -2.37
CA TRP A 72 -3.74 0.46 -2.26
C TRP A 72 -2.25 0.26 -2.42
N MET A 73 -1.59 0.98 -3.32
CA MET A 73 -0.20 0.76 -3.60
C MET A 73 0.64 1.06 -2.31
N GLY A 74 0.32 2.17 -1.73
CA GLY A 74 1.07 2.68 -0.51
C GLY A 74 0.79 1.74 0.66
N LEU A 75 -0.47 1.31 0.77
CA LEU A 75 -0.87 0.43 1.86
C LEU A 75 -0.12 -0.90 1.76
N MET A 76 -0.12 -1.51 0.55
CA MET A 76 0.54 -2.75 0.32
C MET A 76 2.06 -2.72 0.48
N VAL A 77 2.65 -1.57 0.10
CA VAL A 77 4.05 -1.45 0.04
C VAL A 77 4.49 -1.38 1.54
N PHE A 78 3.74 -0.61 2.30
CA PHE A 78 3.99 -0.37 3.80
C PHE A 78 3.88 -1.67 4.57
N ALA A 79 2.82 -2.45 4.30
CA ALA A 79 2.66 -3.78 4.84
C ALA A 79 3.73 -4.71 4.41
N MET A 80 4.16 -4.65 3.15
CA MET A 80 5.21 -5.56 2.72
C MET A 80 6.55 -5.21 3.40
N GLY A 81 6.80 -3.92 3.55
CA GLY A 81 7.99 -3.45 4.27
C GLY A 81 8.08 -4.00 5.71
N TRP A 82 6.93 -3.99 6.39
CA TRP A 82 6.81 -4.53 7.76
C TRP A 82 7.07 -6.03 7.80
N ARG A 83 6.42 -6.79 6.89
CA ARG A 83 6.64 -8.23 6.83
C ARG A 83 8.09 -8.56 6.55
N SER A 84 8.76 -7.72 5.78
CA SER A 84 10.12 -7.96 5.36
C SER A 84 10.99 -7.80 6.64
N PHE A 85 10.70 -6.71 7.34
CA PHE A 85 11.37 -6.39 8.62
C PHE A 85 11.19 -7.51 9.60
N THR A 86 9.95 -7.91 9.88
CA THR A 86 9.66 -8.91 10.88
C THR A 86 10.18 -10.31 10.50
N ASN A 87 10.13 -10.67 9.22
CA ASN A 87 10.35 -12.07 8.80
C ASN A 87 11.78 -12.33 8.44
N VAL A 88 12.41 -11.39 7.76
CA VAL A 88 13.74 -11.62 7.27
C VAL A 88 14.63 -10.45 7.56
N ASN A 89 14.26 -9.64 8.53
CA ASN A 89 15.08 -8.52 8.95
C ASN A 89 15.51 -7.56 7.90
N SER A 90 14.58 -7.35 6.97
CA SER A 90 14.77 -6.44 5.87
C SER A 90 15.85 -6.84 4.90
N ALA A 91 16.32 -8.08 4.94
CA ALA A 91 17.41 -8.57 4.06
C ALA A 91 16.91 -8.78 2.65
N MET A 92 15.67 -9.26 2.58
CA MET A 92 14.93 -9.45 1.32
C MET A 92 13.49 -8.87 1.38
N LEU A 93 12.85 -8.71 0.21
CA LEU A 93 11.46 -8.22 0.16
C LEU A 93 10.47 -9.41 0.22
N TYR A 94 9.69 -9.47 1.29
CA TYR A 94 8.78 -10.59 1.63
C TYR A 94 7.36 -10.25 1.10
N PHE A 95 7.27 -10.20 -0.20
CA PHE A 95 5.95 -9.94 -0.80
C PHE A 95 4.96 -10.95 -0.26
N ALA A 96 5.38 -12.19 -0.19
CA ALA A 96 4.55 -13.30 0.31
C ALA A 96 5.43 -14.46 0.65
N PRO A 97 4.88 -15.45 1.40
CA PRO A 97 5.67 -16.62 1.82
C PRO A 97 6.30 -17.33 0.68
N ASP A 98 5.55 -17.42 -0.46
CA ASP A 98 6.00 -18.01 -1.74
C ASP A 98 6.49 -17.00 -2.80
N LEU A 99 6.78 -15.79 -2.37
CA LEU A 99 7.34 -14.83 -3.28
C LEU A 99 8.22 -13.84 -2.58
N VAL A 100 9.42 -14.28 -2.33
CA VAL A 100 10.45 -13.45 -1.59
C VAL A 100 11.53 -13.06 -2.55
N PHE A 101 11.89 -11.75 -2.60
CA PHE A 101 12.83 -11.29 -3.57
C PHE A 101 14.17 -11.15 -2.89
N ASN A 102 15.14 -11.94 -3.33
CA ASN A 102 16.59 -11.65 -3.24
C ASN A 102 17.03 -10.62 -4.27
N GLU A 103 18.34 -10.24 -4.24
CA GLU A 103 18.82 -9.23 -5.19
C GLU A 103 18.66 -9.72 -6.62
N TYR A 104 18.81 -11.01 -6.81
CA TYR A 104 18.71 -11.51 -8.14
C TYR A 104 17.29 -11.21 -8.69
N ARG A 105 16.25 -11.50 -7.90
CA ARG A 105 14.89 -11.23 -8.37
C ARG A 105 14.60 -9.74 -8.47
N MET A 106 15.20 -8.95 -7.57
CA MET A 106 15.16 -7.53 -7.74
C MET A 106 15.67 -7.12 -9.08
N HIS A 107 16.74 -7.74 -9.57
CA HIS A 107 17.30 -7.30 -10.82
C HIS A 107 16.44 -7.79 -11.94
N LYS A 108 16.04 -9.05 -11.86
CA LYS A 108 15.23 -9.70 -12.94
C LYS A 108 13.85 -9.07 -13.13
N SER A 109 13.34 -8.50 -12.04
CA SER A 109 12.05 -7.81 -12.05
C SER A 109 12.07 -6.50 -12.84
N ARG A 110 13.24 -6.02 -13.26
CA ARG A 110 13.42 -4.69 -13.92
C ARG A 110 12.92 -3.49 -13.10
N MET A 111 12.87 -3.66 -11.76
CA MET A 111 12.34 -2.73 -10.81
C MET A 111 13.36 -2.62 -9.70
N TYR A 112 14.62 -2.79 -10.05
CA TYR A 112 15.61 -2.86 -8.99
C TYR A 112 15.65 -1.61 -8.12
N SER A 113 15.67 -0.44 -8.75
CA SER A 113 15.73 0.81 -7.97
C SER A 113 14.51 0.95 -7.05
N GLN A 114 13.31 0.57 -7.55
CA GLN A 114 12.15 0.61 -6.67
C GLN A 114 12.26 -0.42 -5.56
N CYS A 115 12.79 -1.63 -5.87
CA CYS A 115 12.90 -2.63 -4.84
C CYS A 115 13.86 -2.18 -3.72
N VAL A 116 14.97 -1.65 -4.15
CA VAL A 116 15.94 -1.00 -3.22
C VAL A 116 15.28 0.04 -2.33
N ARG A 117 14.45 0.91 -2.91
CA ARG A 117 13.73 1.89 -2.07
C ARG A 117 12.78 1.20 -1.07
N MET A 118 12.07 0.16 -1.51
CA MET A 118 11.22 -0.57 -0.59
C MET A 118 12.05 -1.25 0.51
N ARG A 119 13.24 -1.73 0.14
CA ARG A 119 14.10 -2.31 1.12
C ARG A 119 14.55 -1.25 2.14
N HIS A 120 14.86 -0.05 1.68
CA HIS A 120 15.27 1.03 2.64
C HIS A 120 14.11 1.28 3.62
N LEU A 121 12.91 1.44 3.06
CA LEU A 121 11.72 1.62 3.88
C LEU A 121 11.63 0.58 4.98
N SER A 122 11.80 -0.69 4.56
CA SER A 122 11.77 -1.80 5.50
C SER A 122 12.88 -1.64 6.61
N GLN A 123 14.10 -1.22 6.24
CA GLN A 123 15.17 -1.01 7.28
C GLN A 123 14.77 0.08 8.24
N GLU A 124 13.95 1.02 7.75
CA GLU A 124 13.46 2.07 8.62
C GLU A 124 12.64 1.57 9.77
N PHE A 125 11.87 0.47 9.58
CA PHE A 125 11.12 -0.05 10.70
C PHE A 125 12.08 -0.54 11.81
N GLY A 126 13.25 -1.03 11.43
CA GLY A 126 14.22 -1.53 12.41
C GLY A 126 14.93 -0.34 13.01
N TRP A 127 15.36 0.58 12.16
CA TRP A 127 16.22 1.69 12.64
C TRP A 127 15.45 2.59 13.58
N LEU A 128 14.13 2.80 13.33
CA LEU A 128 13.28 3.62 14.21
C LEU A 128 12.58 2.87 15.34
N GLN A 129 12.80 1.57 15.46
CA GLN A 129 12.16 0.75 16.45
C GLN A 129 10.63 0.85 16.47
N ILE A 130 10.05 0.88 15.27
CA ILE A 130 8.63 1.02 15.14
C ILE A 130 7.90 -0.13 15.81
N THR A 131 6.93 0.19 16.62
CA THR A 131 6.27 -0.85 17.37
C THR A 131 5.14 -1.37 16.47
N PRO A 132 4.62 -2.57 16.78
CA PRO A 132 3.49 -3.15 16.01
C PRO A 132 2.24 -2.25 16.02
N GLN A 133 2.04 -1.55 17.12
CA GLN A 133 0.89 -0.70 17.25
C GLN A 133 1.04 0.62 16.49
N GLU A 134 2.26 1.18 16.50
CA GLU A 134 2.58 2.28 15.67
C GLU A 134 2.39 1.83 14.19
N PHE A 135 2.93 0.69 13.85
CA PHE A 135 2.74 0.18 12.47
C PHE A 135 1.22 0.19 12.06
N LEU A 136 0.37 -0.44 12.87
CA LEU A 136 -1.06 -0.57 12.64
C LEU A 136 -1.73 0.80 12.48
N CYS A 137 -1.42 1.78 13.37
CA CYS A 137 -1.97 3.08 13.25
C CYS A 137 -1.54 3.82 11.98
N MET A 138 -0.23 3.81 11.70
CA MET A 138 0.29 4.38 10.48
C MET A 138 -0.38 3.75 9.23
N LYS A 139 -0.39 2.44 9.16
CA LYS A 139 -1.03 1.77 7.97
C LYS A 139 -2.46 2.31 7.78
N ALA A 140 -3.26 2.34 8.84
CA ALA A 140 -4.66 2.88 8.77
C ALA A 140 -4.65 4.34 8.25
N LEU A 141 -3.75 5.19 8.74
CA LEU A 141 -3.61 6.54 8.18
C LEU A 141 -3.26 6.65 6.70
N LEU A 142 -2.45 5.72 6.18
CA LEU A 142 -2.12 5.66 4.78
C LEU A 142 -3.38 5.48 3.94
N LEU A 143 -4.40 4.84 4.46
CA LEU A 143 -5.70 4.78 3.70
C LEU A 143 -6.29 6.17 3.43
N PHE A 144 -6.00 7.15 4.31
CA PHE A 144 -6.57 8.49 4.24
C PHE A 144 -5.50 9.54 3.90
N SER A 145 -4.54 9.15 3.07
CA SER A 145 -3.43 9.99 2.66
C SER A 145 -3.33 10.25 1.16
N ILE A 146 -4.38 9.96 0.37
CA ILE A 146 -4.28 10.34 -1.04
C ILE A 146 -5.70 10.62 -1.61
N ILE A 147 -5.93 11.84 -2.12
CA ILE A 147 -7.26 12.27 -2.59
C ILE A 147 -7.27 13.21 -3.83
N PRO A 148 -8.41 13.30 -4.54
CA PRO A 148 -8.51 14.18 -5.68
C PRO A 148 -8.24 15.62 -5.27
N VAL A 149 -7.46 16.31 -6.12
CA VAL A 149 -7.08 17.69 -5.89
C VAL A 149 -8.37 18.48 -5.77
N ASP A 150 -9.40 18.10 -6.52
CA ASP A 150 -10.76 18.69 -6.46
C ASP A 150 -11.64 18.17 -5.35
N GLY A 151 -11.04 17.50 -4.37
CA GLY A 151 -11.80 16.98 -3.24
C GLY A 151 -12.61 15.75 -3.54
N LEU A 152 -13.25 15.25 -2.48
CA LEU A 152 -14.06 14.04 -2.51
C LEU A 152 -15.51 14.46 -2.60
N LYS A 153 -16.43 13.51 -2.76
CA LYS A 153 -17.83 13.84 -2.80
C LYS A 153 -18.35 14.44 -1.50
N ASN A 154 -18.06 13.80 -0.39
CA ASN A 154 -18.38 14.36 0.90
C ASN A 154 -17.08 14.60 1.67
N GLN A 155 -16.35 15.61 1.30
CA GLN A 155 -15.01 15.83 1.76
C GLN A 155 -14.92 16.08 3.31
N LYS A 156 -15.93 16.71 3.90
CA LYS A 156 -15.97 16.99 5.36
C LYS A 156 -15.85 15.79 6.23
N PHE A 157 -16.55 14.70 5.89
CA PHE A 157 -16.42 13.46 6.65
C PHE A 157 -15.01 12.86 6.52
N PHE A 158 -14.37 13.01 5.37
CA PHE A 158 -13.04 12.52 5.20
C PHE A 158 -12.03 13.29 6.10
N ASP A 159 -12.22 14.60 6.19
CA ASP A 159 -11.27 15.48 6.90
C ASP A 159 -11.35 15.12 8.36
N GLU A 160 -12.55 14.89 8.86
CA GLU A 160 -12.81 14.48 10.23
C GLU A 160 -12.24 13.10 10.53
N LEU A 161 -12.45 12.13 9.64
CA LEU A 161 -11.79 10.84 9.78
C LEU A 161 -10.26 10.91 9.86
N ARG A 162 -9.67 11.63 8.92
CA ARG A 162 -8.25 11.77 8.83
C ARG A 162 -7.74 12.43 10.15
N MET A 163 -8.48 13.44 10.60
CA MET A 163 -8.08 14.15 11.87
C MET A 163 -8.03 13.18 13.03
N ASN A 164 -9.05 12.31 13.10
CA ASN A 164 -9.13 11.34 14.14
C ASN A 164 -8.05 10.27 14.11
N TYR A 165 -7.72 9.73 12.93
CA TYR A 165 -6.63 8.80 12.80
C TYR A 165 -5.27 9.42 13.25
N ILE A 166 -5.10 10.70 12.96
CA ILE A 166 -3.84 11.38 13.31
C ILE A 166 -3.78 11.50 14.82
N LYS A 167 -4.85 11.96 15.42
CA LYS A 167 -5.00 11.98 16.88
C LYS A 167 -4.67 10.64 17.53
N GLU A 168 -5.26 9.54 17.02
CA GLU A 168 -4.97 8.20 17.54
C GLU A 168 -3.48 7.82 17.53
N LEU A 169 -2.75 8.18 16.46
CA LEU A 169 -1.32 7.96 16.35
C LEU A 169 -0.59 8.78 17.41
N ASP A 170 -0.92 10.06 17.50
CA ASP A 170 -0.24 10.92 18.46
C ASP A 170 -0.46 10.32 19.87
N ARG A 171 -1.67 9.80 20.08
CA ARG A 171 -2.09 9.18 21.34
C ARG A 171 -1.31 7.91 21.70
N ILE A 172 -1.11 7.02 20.72
CA ILE A 172 -0.30 5.82 20.97
C ILE A 172 1.18 6.13 21.08
N ILE A 173 1.61 7.25 20.52
CA ILE A 173 2.90 7.82 20.86
C ILE A 173 2.91 8.18 22.39
N ALA A 174 1.84 8.80 22.88
CA ALA A 174 1.70 9.21 24.30
C ALA A 174 0.70 8.35 25.09
N SER A 182 11.16 15.12 21.38
CA SER A 182 11.04 14.86 22.83
C SER A 182 9.78 14.03 23.20
N CYS A 183 9.36 13.15 22.26
CA CYS A 183 7.97 12.62 22.14
C CYS A 183 7.31 13.32 20.91
N SER A 184 7.76 14.54 20.67
CA SER A 184 7.46 15.30 19.47
C SER A 184 8.50 15.00 18.40
N ARG A 185 9.70 14.59 18.83
CA ARG A 185 10.66 14.03 17.89
C ARG A 185 10.09 12.74 17.28
N ARG A 186 9.30 11.99 18.08
CA ARG A 186 8.72 10.72 17.66
C ARG A 186 7.75 11.01 16.51
N PHE A 187 6.71 11.77 16.82
CA PHE A 187 5.76 12.19 15.81
C PHE A 187 6.44 12.76 14.56
N TYR A 188 7.49 13.61 14.68
CA TYR A 188 8.24 14.03 13.53
C TYR A 188 8.74 12.86 12.70
N GLN A 189 9.33 11.87 13.37
CA GLN A 189 9.94 10.79 12.62
C GLN A 189 8.89 9.86 11.97
N LEU A 190 7.80 9.61 12.68
CA LEU A 190 6.70 8.71 12.15
C LEU A 190 6.08 9.37 10.92
N THR A 191 5.82 10.68 11.01
CA THR A 191 5.29 11.47 9.91
C THR A 191 6.20 11.52 8.70
N LYS A 192 7.51 11.68 8.94
CA LYS A 192 8.49 11.58 7.87
C LYS A 192 8.50 10.17 7.19
N LEU A 193 8.41 9.16 8.02
CA LEU A 193 8.39 7.78 7.50
C LEU A 193 7.12 7.63 6.63
N LEU A 194 5.92 8.02 7.14
CA LEU A 194 4.69 7.98 6.29
C LEU A 194 4.85 8.69 4.97
N ASP A 195 5.39 9.92 4.98
CA ASP A 195 5.67 10.63 3.73
C ASP A 195 6.53 9.86 2.76
N SER A 196 7.55 9.19 3.30
CA SER A 196 8.50 8.44 2.48
C SER A 196 7.87 7.28 1.70
N VAL A 197 6.71 6.85 2.15
CA VAL A 197 5.98 5.87 1.32
C VAL A 197 5.53 6.42 -0.05
N GLN A 198 5.20 7.71 -0.13
CA GLN A 198 4.50 8.25 -1.28
C GLN A 198 5.34 8.28 -2.53
N PRO A 199 6.60 8.78 -2.47
CA PRO A 199 7.46 8.69 -3.67
C PRO A 199 7.71 7.27 -4.21
N ILE A 200 7.81 6.31 -3.28
CA ILE A 200 7.95 4.89 -3.64
C ILE A 200 6.70 4.43 -4.40
N ALA A 201 5.54 4.76 -3.83
CA ALA A 201 4.24 4.44 -4.47
C ALA A 201 4.14 5.10 -5.82
N ARG A 202 4.57 6.36 -5.95
CA ARG A 202 4.51 7.04 -7.26
C ARG A 202 5.35 6.31 -8.35
N GLU A 203 6.56 5.91 -7.99
CA GLU A 203 7.42 5.19 -8.97
C GLU A 203 6.86 3.82 -9.34
N LEU A 204 6.31 3.15 -8.35
CA LEU A 204 5.55 1.90 -8.66
C LEU A 204 4.33 2.14 -9.53
N HIS A 205 3.60 3.23 -9.28
CA HIS A 205 2.49 3.61 -10.14
C HIS A 205 2.93 3.81 -11.59
N GLN A 206 4.02 4.54 -11.80
CA GLN A 206 4.57 4.76 -13.16
C GLN A 206 5.02 3.44 -13.79
N PHE A 207 5.69 2.61 -12.98
CA PHE A 207 6.16 1.32 -13.50
C PHE A 207 4.99 0.43 -13.94
N THR A 208 4.00 0.34 -13.07
CA THR A 208 2.88 -0.65 -13.35
C THR A 208 2.05 -0.11 -14.50
N PHE A 209 1.93 1.20 -14.60
CA PHE A 209 1.16 1.77 -15.74
C PHE A 209 1.85 1.47 -17.09
N ASP A 210 3.13 1.68 -17.14
CA ASP A 210 3.91 1.40 -18.35
C ASP A 210 3.91 -0.09 -18.67
N LEU A 211 4.01 -0.91 -17.61
CA LEU A 211 3.90 -2.34 -17.80
C LEU A 211 2.53 -2.74 -18.33
N LEU A 212 1.48 -2.10 -17.86
CA LEU A 212 0.15 -2.48 -18.41
C LEU A 212 0.07 -2.13 -19.93
N ILE A 213 0.58 -0.96 -20.28
CA ILE A 213 0.54 -0.48 -21.66
C ILE A 213 1.31 -1.44 -22.54
N LYS A 214 2.45 -1.91 -22.05
CA LYS A 214 3.22 -2.85 -22.83
C LYS A 214 2.99 -4.35 -22.48
N SER A 215 1.90 -4.69 -21.74
CA SER A 215 1.76 -6.06 -21.18
C SER A 215 1.73 -7.17 -22.26
N HIS A 216 1.11 -6.96 -23.41
CA HIS A 216 1.10 -8.02 -24.47
C HIS A 216 2.46 -8.27 -25.09
N MET A 217 3.20 -7.19 -25.27
CA MET A 217 4.57 -7.23 -25.77
C MET A 217 5.54 -8.00 -24.87
N VAL A 218 5.34 -7.96 -23.57
CA VAL A 218 6.33 -8.55 -22.64
C VAL A 218 5.78 -9.81 -21.95
N SER A 219 4.60 -10.26 -22.39
CA SER A 219 3.88 -11.42 -21.84
C SER A 219 3.66 -11.36 -20.32
N VAL A 220 3.24 -10.21 -19.81
CA VAL A 220 2.88 -10.13 -18.43
C VAL A 220 1.37 -10.09 -18.32
N ASP A 221 0.85 -10.91 -17.42
CA ASP A 221 -0.58 -11.03 -17.15
C ASP A 221 -1.06 -10.03 -16.10
N PHE A 222 -2.05 -9.24 -16.47
CA PHE A 222 -2.79 -8.47 -15.43
C PHE A 222 -4.16 -9.02 -15.21
N PRO A 223 -4.48 -9.32 -13.94
CA PRO A 223 -5.86 -9.67 -13.65
C PRO A 223 -6.78 -8.50 -13.82
N GLU A 224 -8.06 -8.81 -13.85
CA GLU A 224 -9.16 -7.90 -14.20
C GLU A 224 -9.17 -6.63 -13.40
N MET A 225 -9.20 -6.78 -12.09
CA MET A 225 -9.41 -5.67 -11.25
C MET A 225 -8.14 -4.79 -11.25
N MET A 226 -6.98 -5.42 -11.30
CA MET A 226 -5.71 -4.69 -11.44
C MET A 226 -5.67 -3.89 -12.77
N ALA A 227 -6.12 -4.48 -13.88
CA ALA A 227 -6.07 -3.78 -15.16
C ALA A 227 -7.01 -2.55 -15.21
N GLU A 228 -8.22 -2.71 -14.70
CA GLU A 228 -9.18 -1.62 -14.56
C GLU A 228 -8.61 -0.52 -13.72
N ILE A 229 -8.17 -0.88 -12.52
CA ILE A 229 -7.70 0.17 -11.58
C ILE A 229 -6.51 0.94 -12.13
N ILE A 230 -5.58 0.23 -12.70
CA ILE A 230 -4.37 0.82 -13.25
C ILE A 230 -4.70 1.60 -14.56
N SER A 231 -5.76 1.23 -15.29
CA SER A 231 -6.06 2.05 -16.46
C SER A 231 -7.01 3.26 -16.13
N VAL A 232 -7.80 3.21 -15.03
CA VAL A 232 -8.82 4.21 -14.77
C VAL A 232 -8.40 5.11 -13.60
N GLN A 233 -7.86 4.54 -12.54
CA GLN A 233 -7.54 5.34 -11.33
C GLN A 233 -6.10 5.83 -11.25
N VAL A 234 -5.17 4.95 -11.47
CA VAL A 234 -3.76 5.26 -11.40
C VAL A 234 -3.31 6.47 -12.34
N PRO A 235 -3.84 6.56 -13.57
CA PRO A 235 -3.53 7.72 -14.35
C PRO A 235 -4.02 9.04 -13.75
N LYS A 236 -5.13 9.03 -12.97
CA LYS A 236 -5.58 10.21 -12.29
C LYS A 236 -4.51 10.65 -11.31
N ILE A 237 -3.83 9.70 -10.70
CA ILE A 237 -2.71 10.06 -9.81
C ILE A 237 -1.51 10.57 -10.61
N LEU A 238 -1.15 9.84 -11.66
CA LEU A 238 0.08 10.21 -12.40
C LEU A 238 -0.08 11.55 -13.16
N SER A 239 -1.32 11.88 -13.54
CA SER A 239 -1.63 13.14 -14.19
C SER A 239 -1.78 14.33 -13.22
N GLY A 240 -1.61 14.08 -11.91
CA GLY A 240 -1.83 15.08 -10.89
C GLY A 240 -3.23 15.47 -10.46
N LYS A 241 -4.27 14.79 -10.90
CA LYS A 241 -5.59 15.08 -10.47
C LYS A 241 -5.85 14.59 -9.08
N VAL A 242 -5.09 13.58 -8.67
CA VAL A 242 -5.17 12.95 -7.37
C VAL A 242 -3.77 12.98 -6.83
N LYS A 243 -3.64 13.45 -5.59
CA LYS A 243 -2.35 13.66 -5.04
C LYS A 243 -2.19 13.26 -3.54
N PRO A 244 -1.07 12.67 -3.19
CA PRO A 244 -0.82 12.36 -1.79
C PRO A 244 -0.93 13.62 -0.91
N ILE A 245 -1.32 13.41 0.37
CA ILE A 245 -1.34 14.36 1.44
C ILE A 245 -0.03 14.18 2.18
N TYR A 246 0.89 15.12 2.05
CA TYR A 246 2.16 14.99 2.78
C TYR A 246 2.04 15.75 4.09
N PHE A 247 2.72 15.26 5.10
CA PHE A 247 2.85 15.97 6.30
C PHE A 247 3.84 17.13 6.08
N HIS A 248 4.92 16.83 5.40
CA HIS A 248 6.05 17.76 5.28
C HIS A 248 6.16 18.15 3.87
N THR A 249 6.71 19.34 3.64
CA THR A 249 6.55 19.94 2.36
C THR A 249 7.88 19.91 1.63
N GLY B 2 -17.78 -1.99 -13.58
CA GLY B 2 -16.59 -1.87 -12.69
C GLY B 2 -16.27 -3.20 -12.05
N ALA B 3 -15.05 -3.68 -12.32
CA ALA B 3 -14.50 -4.92 -11.75
C ALA B 3 -14.32 -4.82 -10.23
N PHE B 4 -13.68 -3.72 -9.81
CA PHE B 4 -13.44 -3.45 -8.41
C PHE B 4 -14.73 -3.07 -7.62
N GLN B 5 -15.71 -2.50 -8.31
CA GLN B 5 -17.00 -2.15 -7.69
C GLN B 5 -17.82 -3.40 -7.41
N ASN B 6 -17.77 -4.36 -8.34
CA ASN B 6 -18.28 -5.72 -8.14
C ASN B 6 -17.71 -6.31 -6.85
N LEU B 7 -16.39 -6.23 -6.69
CA LEU B 7 -15.75 -6.72 -5.49
C LEU B 7 -16.08 -5.88 -4.25
N PHE B 8 -16.10 -4.56 -4.38
CA PHE B 8 -16.45 -3.67 -3.25
C PHE B 8 -17.81 -4.03 -2.64
N GLN B 9 -18.81 -4.33 -3.49
CA GLN B 9 -20.13 -4.82 -3.04
C GLN B 9 -20.34 -6.29 -3.41
#